data_8P93
#
_entry.id   8P93
#
_cell.length_a   39.430
_cell.length_b   67.670
_cell.length_c   40.150
_cell.angle_alpha   90.000
_cell.angle_beta   93.420
_cell.angle_gamma   90.000
#
_symmetry.space_group_name_H-M   'P 1 21 1'
#
loop_
_entity.id
_entity.type
_entity.pdbx_description
1 polymer 'Beta-lactamase VIM-1'
2 non-polymer 'ZINC ION'
3 non-polymer '3-[3-fluoranyl-4-[(piperidin-4-ylsulfonylamino)methyl]phenyl]-7-propan-2-yl-1~{H}-indole-2-carboxylic acid'
4 water water
#
_entity_poly.entity_id   1
_entity_poly.type   'polypeptide(L)'
_entity_poly.pdbx_seq_one_letter_code
;MLKVISSLLVYMTASVMAVASPLAHSGEPSGEYPTVNEIPVGEVRLYQIADGVWSHIATQSFDGAVYPSNGLIVRDGDEL
LLIDTAWGAKNTAALLAEIEKQIGLPVTRAVSTHFHDDRVGGVDVLRAAGVATYASPSTRRLAEAEGNEIPTHSLEGLSS
SGDAVRFGPVELFYPGAAHSTDNLVVYVPSANVLYGGCAVHELSSTSAGNVADADLAEWPTSVERIQKHYPEAEVVIPGH
GLPGGLDLLQHTANVVKAHKNRSVAE
;
_entity_poly.pdbx_strand_id   A
#
loop_
_chem_comp.id
_chem_comp.type
_chem_comp.name
_chem_comp.formula
XAQ non-polymer '3-[3-fluoranyl-4-[(piperidin-4-ylsulfonylamino)methyl]phenyl]-7-propan-2-yl-1~{H}-indole-2-carboxylic acid' 'C24 H28 F N3 O4 S'
ZN non-polymer 'ZINC ION' 'Zn 2'
#
# COMPACT_ATOMS: atom_id res chain seq x y z
N SER A 30 -12.89 -14.46 13.59
N SER A 30 -12.49 -14.44 11.23
CA SER A 30 -12.66 -13.55 14.69
CA SER A 30 -13.76 -14.06 11.88
C SER A 30 -13.02 -12.10 14.35
C SER A 30 -13.81 -12.64 12.48
N GLY A 31 -13.13 -11.82 13.04
N GLY A 31 -13.20 -11.68 11.80
CA GLY A 31 -13.27 -10.46 12.59
CA GLY A 31 -13.22 -10.28 12.21
C GLY A 31 -12.00 -9.71 12.83
C GLY A 31 -11.92 -9.67 12.72
N GLU A 32 -10.95 -10.42 13.22
CA GLU A 32 -9.64 -9.85 13.55
C GLU A 32 -8.90 -9.54 12.26
N TYR A 33 -7.85 -8.74 12.33
CA TYR A 33 -7.14 -8.43 11.08
C TYR A 33 -6.41 -9.68 10.67
N PRO A 34 -6.45 -10.08 9.43
CA PRO A 34 -5.83 -11.35 9.11
C PRO A 34 -4.35 -11.30 8.96
N THR A 35 -3.67 -12.32 9.54
N THR A 35 -3.82 -12.51 8.97
CA THR A 35 -2.20 -12.45 9.56
CA THR A 35 -2.45 -12.85 8.77
C THR A 35 -1.58 -13.44 8.56
C THR A 35 -2.38 -13.96 7.72
N VAL A 36 -0.23 -13.43 8.40
N VAL A 36 -1.15 -14.29 7.36
CA VAL A 36 0.42 -14.17 7.30
CA VAL A 36 -0.91 -15.43 6.48
C VAL A 36 0.03 -15.63 7.29
C VAL A 36 -1.63 -16.69 6.93
N ASN A 37 0.01 -16.27 8.44
N ASN A 37 -1.80 -16.87 8.22
CA ASN A 37 -0.27 -17.70 8.43
CA ASN A 37 -2.37 -18.13 8.67
C ASN A 37 -1.75 -18.05 8.26
C ASN A 37 -3.85 -18.22 8.41
N GLU A 38 -2.61 -17.05 8.21
N GLU A 38 -4.48 -17.12 8.06
CA GLU A 38 -4.06 -17.26 8.01
CA GLU A 38 -5.85 -17.12 7.62
C GLU A 38 -4.47 -17.14 6.54
C GLU A 38 -5.97 -16.91 6.12
N ILE A 39 -3.58 -16.71 5.67
N ILE A 39 -4.88 -16.63 5.44
CA ILE A 39 -3.94 -16.44 4.26
CA ILE A 39 -4.81 -16.45 3.99
C ILE A 39 -3.06 -17.23 3.30
C ILE A 39 -4.16 -17.70 3.40
N PRO A 40 -3.57 -18.32 2.67
N PRO A 40 -4.93 -18.64 2.89
CA PRO A 40 -2.72 -19.07 1.73
CA PRO A 40 -4.35 -19.87 2.27
C PRO A 40 -2.32 -18.14 0.61
C PRO A 40 -3.54 -19.56 1.00
N VAL A 41 -1.14 -18.40 0.06
N VAL A 41 -3.44 -20.44 -0.01
CA VAL A 41 -0.73 -17.66 -1.12
CA VAL A 41 -2.64 -20.12 -1.19
C VAL A 41 -1.73 -17.93 -2.22
C VAL A 41 -3.48 -19.30 -2.13
N GLY A 42 -2.20 -16.85 -2.84
N GLY A 42 -2.96 -18.15 -2.54
CA GLY A 42 -3.24 -16.83 -3.89
CA GLY A 42 -3.45 -17.43 -3.70
C GLY A 42 -4.65 -16.50 -3.43
C GLY A 42 -4.77 -16.78 -3.43
N GLU A 43 -4.95 -16.40 -2.15
N GLU A 43 -5.04 -16.46 -2.16
CA GLU A 43 -6.27 -15.91 -1.70
CA GLU A 43 -6.30 -15.93 -1.69
C GLU A 43 -6.11 -14.52 -1.19
C GLU A 43 -6.09 -14.49 -1.28
N VAL A 44 -7.20 -13.75 -1.24
CA VAL A 44 -7.18 -12.38 -0.79
C VAL A 44 -8.31 -12.18 0.19
N ARG A 45 -8.02 -11.40 1.24
N ARG A 45 -8.03 -11.43 1.26
CA ARG A 45 -9.02 -11.00 2.20
CA ARG A 45 -9.05 -11.02 2.21
C ARG A 45 -9.21 -9.49 2.14
C ARG A 45 -9.21 -9.51 2.19
N LEU A 46 -10.42 -9.04 2.43
CA LEU A 46 -10.69 -7.63 2.65
C LEU A 46 -11.05 -7.38 4.09
N TYR A 47 -10.74 -6.20 4.57
CA TYR A 47 -11.00 -5.79 5.93
C TYR A 47 -11.59 -4.39 5.92
N GLN A 48 -12.78 -4.24 6.49
CA GLN A 48 -13.39 -2.90 6.54
C GLN A 48 -12.69 -2.03 7.56
N ILE A 49 -12.15 -0.94 7.11
CA ILE A 49 -11.45 0.05 7.94
C ILE A 49 -12.38 1.13 8.44
N ALA A 50 -13.23 1.65 7.58
CA ALA A 50 -14.14 2.77 7.85
C ALA A 50 -15.20 2.72 6.79
N ASP A 51 -16.20 3.58 6.87
CA ASP A 51 -17.21 3.63 5.82
CA ASP A 51 -17.21 3.65 5.84
C ASP A 51 -16.56 3.96 4.48
N GLY A 52 -16.76 3.08 3.52
CA GLY A 52 -16.14 3.26 2.22
C GLY A 52 -14.66 3.08 2.13
N VAL A 53 -14.03 2.43 3.11
CA VAL A 53 -12.58 2.20 3.09
C VAL A 53 -12.32 0.80 3.56
N TRP A 54 -11.60 0.00 2.76
CA TRP A 54 -11.18 -1.34 3.07
C TRP A 54 -9.70 -1.44 2.88
N SER A 55 -9.06 -2.32 3.62
CA SER A 55 -7.76 -2.82 3.21
C SER A 55 -7.93 -4.16 2.52
N HIS A 56 -6.98 -4.48 1.65
CA HIS A 56 -6.86 -5.82 1.09
C HIS A 56 -5.58 -6.45 1.59
N ILE A 57 -5.61 -7.75 1.84
CA ILE A 57 -4.49 -8.48 2.40
C ILE A 57 -4.28 -9.72 1.58
N ALA A 58 -3.04 -9.94 1.20
CA ALA A 58 -2.66 -11.12 0.41
C ALA A 58 -1.30 -11.57 0.92
N THR A 59 -0.88 -12.74 0.47
CA THR A 59 0.42 -13.26 0.89
CA THR A 59 0.37 -13.33 0.89
C THR A 59 1.17 -13.71 -0.37
N GLN A 60 2.49 -13.64 -0.28
CA GLN A 60 3.30 -14.02 -1.43
C GLN A 60 4.63 -14.56 -0.92
N SER A 61 5.21 -15.44 -1.71
N SER A 61 5.23 -15.42 -1.73
CA SER A 61 6.54 -15.97 -1.51
CA SER A 61 6.55 -15.92 -1.40
C SER A 61 7.56 -15.04 -2.18
C SER A 61 7.60 -15.16 -2.20
N PHE A 62 8.67 -14.81 -1.53
CA PHE A 62 9.77 -14.04 -2.07
C PHE A 62 11.04 -14.54 -1.45
N ASP A 63 11.98 -14.99 -2.28
CA ASP A 63 13.25 -15.49 -1.81
C ASP A 63 13.05 -16.58 -0.74
N GLY A 64 12.03 -17.39 -0.92
CA GLY A 64 11.87 -18.53 -0.05
C GLY A 64 11.22 -18.29 1.28
N ALA A 65 10.60 -17.14 1.46
CA ALA A 65 9.80 -16.91 2.65
C ALA A 65 8.47 -16.31 2.23
N VAL A 66 7.46 -16.43 3.08
CA VAL A 66 6.13 -15.93 2.79
C VAL A 66 5.88 -14.70 3.63
N TYR A 67 5.32 -13.69 2.99
CA TYR A 67 5.03 -12.43 3.62
C TYR A 67 3.60 -12.00 3.33
N PRO A 68 2.94 -11.34 4.29
CA PRO A 68 1.69 -10.66 4.01
C PRO A 68 1.96 -9.29 3.44
N SER A 69 0.91 -8.69 2.87
N SER A 69 0.97 -8.73 2.74
CA SER A 69 1.05 -7.34 2.34
CA SER A 69 1.02 -7.35 2.36
C SER A 69 -0.30 -6.72 2.12
C SER A 69 -0.38 -6.78 2.24
N ASN A 70 -0.42 -5.46 2.47
CA ASN A 70 -1.68 -4.69 2.43
C ASN A 70 -1.78 -3.81 1.19
N GLY A 71 -3.02 -3.52 0.80
CA GLY A 71 -3.38 -2.40 -0.04
C GLY A 71 -4.65 -1.78 0.45
N LEU A 72 -5.19 -0.85 -0.31
CA LEU A 72 -6.36 -0.08 0.09
C LEU A 72 -7.41 -0.09 -1.02
N ILE A 73 -8.67 0.02 -0.63
CA ILE A 73 -9.80 0.17 -1.53
C ILE A 73 -10.62 1.33 -0.98
N VAL A 74 -10.95 2.31 -1.81
CA VAL A 74 -11.70 3.46 -1.37
C VAL A 74 -12.89 3.66 -2.30
N ARG A 75 -14.10 3.69 -1.71
N ARG A 75 -14.09 3.68 -1.71
CA ARG A 75 -15.30 3.97 -2.48
CA ARG A 75 -15.29 3.93 -2.50
C ARG A 75 -15.24 5.37 -3.11
C ARG A 75 -15.27 5.34 -3.07
N ASP A 76 -15.59 5.44 -4.37
CA ASP A 76 -15.50 6.64 -5.23
C ASP A 76 -16.84 6.77 -5.95
N GLY A 77 -17.86 7.11 -5.20
CA GLY A 77 -19.26 7.14 -5.68
C GLY A 77 -19.78 5.72 -5.92
N ASP A 78 -20.08 5.38 -7.18
CA ASP A 78 -20.46 4.03 -7.56
C ASP A 78 -19.30 3.27 -8.20
N GLU A 79 -18.07 3.74 -8.00
CA GLU A 79 -16.88 3.05 -8.48
C GLU A 79 -15.92 2.88 -7.29
N LEU A 80 -14.81 2.20 -7.51
CA LEU A 80 -13.77 2.01 -6.51
C LEU A 80 -12.40 2.46 -7.03
N LEU A 81 -11.65 3.06 -6.14
CA LEU A 81 -10.25 3.39 -6.32
C LEU A 81 -9.46 2.33 -5.57
N LEU A 82 -8.50 1.73 -6.26
CA LEU A 82 -7.60 0.73 -5.66
C LEU A 82 -6.26 1.35 -5.42
N ILE A 83 -5.67 1.10 -4.26
CA ILE A 83 -4.31 1.48 -3.93
C ILE A 83 -3.51 0.21 -3.77
N ASP A 84 -2.57 -0.01 -4.68
CA ASP A 84 -1.60 -1.11 -4.74
C ASP A 84 -2.26 -2.41 -5.17
N THR A 85 -1.47 -3.20 -5.88
CA THR A 85 -1.83 -4.58 -6.23
C THR A 85 -1.75 -5.47 -5.02
N ALA A 86 -2.15 -6.74 -5.24
CA ALA A 86 -2.06 -7.76 -4.20
C ALA A 86 -0.80 -8.61 -4.31
N TRP A 87 0.25 -8.08 -4.92
CA TRP A 87 1.56 -8.74 -4.97
C TRP A 87 1.54 -9.96 -5.83
N GLY A 88 1.36 -9.75 -7.13
CA GLY A 88 1.41 -10.82 -8.11
C GLY A 88 0.19 -10.86 -8.99
N ALA A 89 0.32 -11.45 -10.16
CA ALA A 89 -0.78 -11.54 -11.11
C ALA A 89 -1.93 -12.35 -10.58
N LYS A 90 -1.68 -13.58 -10.15
N LYS A 90 -1.67 -13.56 -10.12
CA LYS A 90 -2.77 -14.41 -9.65
CA LYS A 90 -2.80 -14.36 -9.70
C LYS A 90 -3.42 -13.77 -8.44
C LYS A 90 -3.41 -13.83 -8.41
N ASN A 91 -2.61 -13.30 -7.49
CA ASN A 91 -3.17 -12.64 -6.32
C ASN A 91 -4.08 -11.46 -6.71
N THR A 92 -3.66 -10.69 -7.70
CA THR A 92 -4.43 -9.53 -8.12
C THR A 92 -5.72 -9.92 -8.82
N ALA A 93 -5.69 -11.00 -9.61
CA ALA A 93 -6.95 -11.54 -10.13
C ALA A 93 -7.87 -11.96 -8.99
N ALA A 94 -7.32 -12.60 -7.99
CA ALA A 94 -8.10 -13.01 -6.82
C ALA A 94 -8.65 -11.80 -6.08
N LEU A 95 -7.88 -10.72 -6.01
CA LEU A 95 -8.33 -9.47 -5.40
C LEU A 95 -9.56 -8.96 -6.13
N LEU A 96 -9.52 -8.88 -7.46
CA LEU A 96 -10.66 -8.41 -8.21
C LEU A 96 -11.88 -9.26 -7.93
N ALA A 97 -11.71 -10.60 -7.86
CA ALA A 97 -12.82 -11.47 -7.62
C ALA A 97 -13.39 -11.27 -6.22
N GLU A 98 -12.52 -11.05 -5.23
CA GLU A 98 -12.96 -10.80 -3.87
C GLU A 98 -13.70 -9.49 -3.73
N ILE A 99 -13.24 -8.45 -4.45
CA ILE A 99 -13.97 -7.19 -4.50
C ILE A 99 -15.35 -7.40 -5.08
N GLU A 100 -15.45 -8.14 -6.18
CA GLU A 100 -16.75 -8.33 -6.79
C GLU A 100 -17.70 -9.05 -5.85
N LYS A 101 -17.19 -10.02 -5.10
CA LYS A 101 -17.98 -10.77 -4.14
C LYS A 101 -18.46 -9.92 -2.97
N GLN A 102 -17.54 -9.15 -2.39
N GLN A 102 -17.53 -9.17 -2.36
CA GLN A 102 -17.76 -8.45 -1.13
CA GLN A 102 -17.78 -8.44 -1.11
C GLN A 102 -18.32 -7.06 -1.28
C GLN A 102 -18.44 -7.08 -1.33
N ILE A 103 -18.04 -6.38 -2.38
CA ILE A 103 -18.41 -4.99 -2.56
C ILE A 103 -19.31 -4.82 -3.77
N GLY A 104 -18.93 -5.38 -4.90
CA GLY A 104 -19.78 -5.38 -6.09
C GLY A 104 -19.82 -4.09 -6.86
N LEU A 105 -18.82 -3.24 -6.72
CA LEU A 105 -18.64 -2.04 -7.50
C LEU A 105 -17.39 -2.17 -8.32
N PRO A 106 -17.34 -1.57 -9.47
CA PRO A 106 -16.18 -1.77 -10.35
C PRO A 106 -14.98 -0.95 -9.90
N VAL A 107 -13.81 -1.58 -9.97
CA VAL A 107 -12.55 -0.88 -9.79
C VAL A 107 -12.24 -0.19 -11.09
N THR A 108 -12.14 1.14 -11.06
CA THR A 108 -11.91 1.89 -12.31
C THR A 108 -10.51 2.48 -12.40
N ARG A 109 -9.85 2.73 -11.26
CA ARG A 109 -8.54 3.33 -11.25
C ARG A 109 -7.75 2.65 -10.14
N ALA A 110 -6.42 2.59 -10.34
CA ALA A 110 -5.50 2.11 -9.33
C ALA A 110 -4.30 3.01 -9.28
N VAL A 111 -3.75 3.19 -8.08
CA VAL A 111 -2.51 3.89 -7.86
C VAL A 111 -1.53 2.95 -7.17
N SER A 112 -0.31 2.87 -7.67
CA SER A 112 0.73 2.10 -7.01
C SER A 112 1.66 3.04 -6.27
N THR A 113 1.96 2.76 -5.02
CA THR A 113 2.65 3.69 -4.15
C THR A 113 4.17 3.60 -4.16
N HIS A 114 4.74 2.56 -4.77
CA HIS A 114 6.16 2.56 -5.16
C HIS A 114 6.33 1.42 -6.14
N PHE A 115 7.60 1.20 -6.56
CA PHE A 115 7.88 0.37 -7.74
C PHE A 115 8.04 -1.11 -7.46
N HIS A 116 8.07 -1.53 -6.19
CA HIS A 116 8.28 -2.93 -5.88
C HIS A 116 7.09 -3.79 -6.28
N ASP A 117 7.34 -5.11 -6.39
CA ASP A 117 6.34 -6.02 -6.88
C ASP A 117 5.14 -6.17 -5.99
N ASP A 118 5.25 -5.88 -4.69
CA ASP A 118 4.08 -5.87 -3.82
C ASP A 118 3.16 -4.67 -4.07
N ARG A 119 3.53 -3.78 -4.96
CA ARG A 119 2.79 -2.59 -5.27
C ARG A 119 2.33 -2.53 -6.72
N VAL A 120 3.18 -3.05 -7.66
CA VAL A 120 2.90 -3.03 -9.08
C VAL A 120 2.70 -4.41 -9.67
N GLY A 121 3.06 -5.49 -8.97
CA GLY A 121 2.91 -6.81 -9.57
C GLY A 121 1.46 -7.17 -9.58
N GLY A 122 0.87 -7.28 -10.80
CA GLY A 122 -0.55 -7.33 -10.95
C GLY A 122 -1.11 -6.17 -11.77
N VAL A 123 -0.31 -5.16 -12.05
CA VAL A 123 -0.77 -4.07 -12.89
C VAL A 123 -1.20 -4.56 -14.29
N ASP A 124 -0.52 -5.54 -14.84
CA ASP A 124 -0.94 -6.03 -16.15
C ASP A 124 -2.34 -6.65 -16.07
N VAL A 125 -2.62 -7.45 -15.02
CA VAL A 125 -3.94 -7.98 -14.77
C VAL A 125 -4.95 -6.86 -14.66
N LEU A 126 -4.65 -5.82 -13.89
CA LEU A 126 -5.56 -4.69 -13.76
C LEU A 126 -5.86 -4.06 -15.10
N ARG A 127 -4.82 -3.80 -15.85
N ARG A 127 -4.82 -3.73 -15.83
CA ARG A 127 -4.92 -3.10 -17.12
CA ARG A 127 -4.99 -3.03 -17.09
C ARG A 127 -5.79 -3.85 -18.08
C ARG A 127 -5.88 -3.82 -18.04
N ALA A 128 -5.71 -5.14 -18.11
CA ALA A 128 -6.55 -5.97 -18.98
C ALA A 128 -7.94 -6.24 -18.42
N ALA A 129 -8.20 -5.83 -17.21
CA ALA A 129 -9.52 -5.79 -16.66
C ALA A 129 -10.13 -4.42 -16.85
N GLY A 130 -9.45 -3.52 -17.57
CA GLY A 130 -10.02 -2.19 -17.86
C GLY A 130 -9.75 -1.15 -16.76
N VAL A 131 -8.92 -1.47 -15.76
CA VAL A 131 -8.58 -0.51 -14.71
C VAL A 131 -7.51 0.39 -15.27
N ALA A 132 -7.67 1.67 -15.09
CA ALA A 132 -6.64 2.63 -15.43
C ALA A 132 -5.62 2.70 -14.30
N THR A 133 -4.36 2.46 -14.61
CA THR A 133 -3.31 2.34 -13.62
C THR A 133 -2.40 3.55 -13.64
N TYR A 134 -2.03 4.01 -12.45
CA TYR A 134 -1.32 5.25 -12.23
C TYR A 134 -0.17 5.05 -11.27
N ALA A 135 0.90 5.85 -11.44
CA ALA A 135 1.98 5.95 -10.49
C ALA A 135 2.77 7.20 -10.81
N SER A 136 3.59 7.65 -9.87
CA SER A 136 4.43 8.79 -10.18
C SER A 136 5.40 8.45 -11.29
N PRO A 137 5.95 9.47 -11.98
CA PRO A 137 7.00 9.18 -12.96
C PRO A 137 8.17 8.51 -12.35
N SER A 138 8.53 8.85 -11.12
N SER A 138 8.52 8.83 -11.10
CA SER A 138 9.62 8.19 -10.45
CA SER A 138 9.66 8.17 -10.46
C SER A 138 9.35 6.69 -10.36
C SER A 138 9.38 6.68 -10.31
N THR A 139 8.20 6.33 -9.85
CA THR A 139 7.82 4.92 -9.73
C THR A 139 7.83 4.25 -11.08
N ARG A 140 7.28 4.87 -12.12
CA ARG A 140 7.28 4.27 -13.43
C ARG A 140 8.67 3.99 -13.95
N ARG A 141 9.60 4.93 -13.75
N ARG A 141 9.59 4.94 -13.81
CA ARG A 141 10.99 4.77 -14.21
CA ARG A 141 10.97 4.73 -14.23
C ARG A 141 11.69 3.66 -13.46
C ARG A 141 11.58 3.57 -13.47
N LEU A 142 11.44 3.56 -12.14
CA LEU A 142 12.08 2.53 -11.32
C LEU A 142 11.51 1.18 -11.64
N ALA A 143 10.19 1.09 -11.82
CA ALA A 143 9.57 -0.18 -12.19
C ALA A 143 10.13 -0.70 -13.50
N GLU A 144 10.19 0.18 -14.49
CA GLU A 144 10.71 -0.24 -15.77
C GLU A 144 12.15 -0.74 -15.63
N ALA A 145 13.00 0.00 -14.90
CA ALA A 145 14.38 -0.42 -14.76
C ALA A 145 14.53 -1.71 -14.01
N GLU A 146 13.63 -2.02 -13.13
CA GLU A 146 13.67 -3.22 -12.30
C GLU A 146 13.16 -4.43 -13.08
N GLY A 147 12.45 -4.23 -14.19
CA GLY A 147 11.73 -5.28 -14.86
C GLY A 147 10.41 -5.62 -14.22
N ASN A 148 9.82 -4.67 -13.50
CA ASN A 148 8.52 -4.88 -12.88
C ASN A 148 7.44 -4.33 -13.82
N GLU A 149 6.20 -4.68 -13.54
CA GLU A 149 5.09 -4.14 -14.34
C GLU A 149 4.96 -2.65 -14.14
N ILE A 150 4.49 -1.98 -15.16
CA ILE A 150 4.61 -0.52 -15.22
C ILE A 150 3.20 0.06 -15.30
N PRO A 151 2.77 0.85 -14.33
CA PRO A 151 1.47 1.55 -14.45
C PRO A 151 1.46 2.43 -15.70
N THR A 152 0.27 2.62 -16.25
CA THR A 152 0.15 3.32 -17.52
C THR A 152 0.35 4.83 -17.43
N HIS A 153 -0.21 5.45 -16.44
CA HIS A 153 -0.35 6.89 -16.37
C HIS A 153 0.53 7.49 -15.30
N SER A 154 1.18 8.59 -15.62
N SER A 154 1.13 8.61 -15.61
CA SER A 154 2.05 9.30 -14.69
CA SER A 154 2.04 9.29 -14.71
C SER A 154 1.31 10.30 -13.85
C SER A 154 1.26 10.27 -13.83
N LEU A 155 1.59 10.31 -12.57
CA LEU A 155 1.06 11.26 -11.61
C LEU A 155 2.06 12.37 -11.38
N GLU A 156 1.81 13.51 -12.02
CA GLU A 156 2.66 14.68 -11.87
C GLU A 156 2.32 15.38 -10.56
N GLY A 157 3.14 16.36 -10.19
CA GLY A 157 2.85 17.13 -9.02
C GLY A 157 3.25 16.55 -7.70
N LEU A 158 4.07 15.50 -7.73
CA LEU A 158 4.50 14.76 -6.57
C LEU A 158 6.01 14.63 -6.47
N SER A 159 6.77 15.40 -7.22
CA SER A 159 8.20 15.16 -7.29
C SER A 159 9.01 15.74 -6.15
N SER A 160 8.50 16.68 -5.38
N SER A 160 8.46 16.67 -5.38
CA SER A 160 9.25 17.29 -4.28
CA SER A 160 9.16 17.36 -4.31
C SER A 160 8.62 16.85 -2.95
C SER A 160 8.61 16.89 -2.98
N SER A 161 9.46 16.53 -1.96
N SER A 161 9.48 16.71 -2.00
CA SER A 161 8.91 16.14 -0.66
CA SER A 161 9.02 16.31 -0.67
C SER A 161 7.99 17.23 -0.16
C SER A 161 7.98 17.31 -0.16
N GLY A 162 6.91 16.79 0.42
CA GLY A 162 5.85 17.64 0.88
C GLY A 162 4.77 17.88 -0.14
N ASP A 163 4.93 17.45 -1.40
CA ASP A 163 3.91 17.63 -2.40
C ASP A 163 2.69 16.77 -2.10
N ALA A 164 1.56 17.28 -2.50
CA ALA A 164 0.30 16.60 -2.36
C ALA A 164 -0.58 16.87 -3.56
N VAL A 165 -1.37 15.92 -3.98
CA VAL A 165 -2.35 16.08 -5.02
C VAL A 165 -3.60 15.29 -4.67
N ARG A 166 -4.74 15.71 -5.19
CA ARG A 166 -5.97 14.96 -5.04
C ARG A 166 -6.16 13.96 -6.15
N PHE A 167 -6.70 12.79 -5.79
CA PHE A 167 -6.97 11.72 -6.73
C PHE A 167 -8.26 11.04 -6.27
N GLY A 168 -9.37 11.39 -6.89
CA GLY A 168 -10.65 10.84 -6.46
C GLY A 168 -10.82 11.18 -5.00
N PRO A 169 -11.24 10.20 -4.20
CA PRO A 169 -11.53 10.43 -2.77
C PRO A 169 -10.31 10.42 -1.86
N VAL A 170 -9.12 10.47 -2.40
CA VAL A 170 -7.91 10.47 -1.59
C VAL A 170 -7.04 11.66 -1.90
N GLU A 171 -6.08 11.90 -1.00
CA GLU A 171 -4.95 12.76 -1.24
C GLU A 171 -3.71 11.87 -1.30
N LEU A 172 -2.90 12.10 -2.30
CA LEU A 172 -1.59 11.46 -2.46
C LEU A 172 -0.52 12.43 -1.97
N PHE A 173 0.43 11.93 -1.19
CA PHE A 173 1.45 12.76 -0.54
C PHE A 173 2.79 12.10 -0.75
N TYR A 174 3.78 12.88 -1.16
CA TYR A 174 5.13 12.39 -1.30
C TYR A 174 5.93 12.90 -0.10
N PRO A 175 6.30 12.05 0.85
CA PRO A 175 6.95 12.51 2.09
C PRO A 175 8.43 12.68 1.97
N GLY A 176 9.04 12.27 0.88
CA GLY A 176 10.48 12.10 0.79
C GLY A 176 10.89 10.64 0.82
N ALA A 177 12.16 10.41 0.53
CA ALA A 177 12.71 9.06 0.50
C ALA A 177 12.61 8.39 1.87
N ALA A 178 12.24 7.12 1.88
CA ALA A 178 12.06 6.36 3.12
C ALA A 178 12.35 4.89 2.82
N HIS A 179 11.32 4.08 2.75
CA HIS A 179 11.45 2.71 2.30
C HIS A 179 12.03 2.62 0.91
N SER A 180 11.61 3.56 0.06
CA SER A 180 12.13 3.71 -1.29
C SER A 180 12.16 5.18 -1.60
N THR A 181 12.84 5.58 -2.70
N THR A 181 12.84 5.53 -2.70
CA THR A 181 12.91 6.99 -2.99
CA THR A 181 12.97 6.93 -3.08
C THR A 181 11.60 7.52 -3.50
C THR A 181 11.70 7.52 -3.65
N ASP A 182 10.76 6.67 -4.08
CA ASP A 182 9.53 7.04 -4.74
C ASP A 182 8.28 6.81 -3.86
N ASN A 183 8.40 6.36 -2.62
CA ASN A 183 7.20 5.98 -1.91
C ASN A 183 6.24 7.11 -1.68
N LEU A 184 4.96 6.83 -1.95
CA LEU A 184 3.85 7.73 -1.70
C LEU A 184 3.02 7.24 -0.54
N VAL A 185 2.33 8.20 0.08
N VAL A 185 2.42 8.16 0.18
CA VAL A 185 1.41 7.96 1.18
CA VAL A 185 1.39 7.81 1.15
C VAL A 185 0.03 8.39 0.69
C VAL A 185 0.06 8.36 0.67
N VAL A 186 -1.03 7.80 1.24
CA VAL A 186 -2.36 8.08 0.78
C VAL A 186 -3.24 8.40 2.00
N TYR A 187 -3.96 9.51 1.94
CA TYR A 187 -4.86 9.90 3.04
C TYR A 187 -6.28 9.92 2.50
N VAL A 188 -7.22 9.37 3.30
CA VAL A 188 -8.64 9.36 2.97
C VAL A 188 -9.28 10.39 3.87
N PRO A 189 -9.53 11.64 3.40
CA PRO A 189 -9.98 12.67 4.33
C PRO A 189 -11.32 12.38 4.94
N SER A 190 -12.23 11.70 4.25
CA SER A 190 -13.58 11.47 4.78
C SER A 190 -13.52 10.65 6.05
N ALA A 191 -12.49 9.82 6.18
CA ALA A 191 -12.40 8.89 7.28
C ALA A 191 -11.16 9.09 8.15
N ASN A 192 -10.32 10.02 7.84
CA ASN A 192 -9.06 10.23 8.56
C ASN A 192 -8.23 8.96 8.59
N VAL A 193 -8.16 8.28 7.44
CA VAL A 193 -7.36 7.09 7.28
C VAL A 193 -6.07 7.43 6.56
N LEU A 194 -4.96 7.08 7.19
CA LEU A 194 -3.64 7.29 6.61
C LEU A 194 -3.09 5.92 6.19
N TYR A 195 -2.90 5.73 4.91
CA TYR A 195 -2.29 4.53 4.36
C TYR A 195 -0.84 4.86 4.11
N GLY A 196 0.03 4.36 4.96
CA GLY A 196 1.46 4.71 4.87
C GLY A 196 2.21 3.92 3.85
N GLY A 197 1.66 2.82 3.36
CA GLY A 197 2.40 1.95 2.54
C GLY A 197 3.71 1.50 3.23
N CYS A 198 4.72 1.14 2.41
CA CYS A 198 5.85 0.50 2.99
C CYS A 198 6.81 1.43 3.73
N ALA A 199 6.56 2.72 3.67
CA ALA A 199 7.23 3.68 4.53
C ALA A 199 6.82 3.59 5.99
N VAL A 200 5.75 2.87 6.28
CA VAL A 200 5.26 2.73 7.66
C VAL A 200 5.17 1.27 8.04
N HIS A 201 5.70 0.97 9.21
N HIS A 201 5.77 0.94 9.17
CA HIS A 201 5.69 -0.38 9.73
CA HIS A 201 5.78 -0.41 9.73
C HIS A 201 4.69 -0.55 10.86
C HIS A 201 4.71 -0.54 10.77
N GLU A 202 4.28 -1.80 11.02
CA GLU A 202 3.36 -2.16 12.06
C GLU A 202 4.03 -2.09 13.43
N LEU A 203 3.21 -1.97 14.46
CA LEU A 203 3.77 -1.86 15.83
C LEU A 203 4.58 -3.08 16.30
N SER A 204 4.23 -4.29 15.85
CA SER A 204 4.97 -5.42 16.34
C SER A 204 6.31 -5.59 15.65
N SER A 205 6.57 -4.79 14.63
CA SER A 205 7.79 -4.85 13.83
C SER A 205 9.00 -4.62 14.65
N THR A 206 10.02 -5.46 14.35
CA THR A 206 11.29 -5.51 15.03
C THR A 206 12.42 -5.15 14.10
N SER A 207 12.10 -4.85 12.84
CA SER A 207 13.12 -4.57 11.87
C SER A 207 12.45 -3.70 10.85
N ALA A 208 13.26 -3.08 10.11
CA ALA A 208 12.82 -2.20 9.08
C ALA A 208 12.46 -2.89 7.78
N GLY A 209 12.12 -4.20 7.81
CA GLY A 209 11.61 -4.87 6.61
C GLY A 209 12.69 -4.99 5.55
N ASN A 210 12.26 -4.91 4.29
CA ASN A 210 13.18 -5.05 3.17
C ASN A 210 13.72 -3.65 2.81
N VAL A 211 14.94 -3.37 3.28
CA VAL A 211 15.58 -2.07 3.15
C VAL A 211 16.47 -1.92 1.93
N ALA A 212 16.41 -2.85 1.00
CA ALA A 212 17.39 -2.84 -0.06
C ALA A 212 17.39 -1.52 -0.85
N ASP A 213 16.25 -0.87 -0.98
CA ASP A 213 16.12 0.34 -1.78
C ASP A 213 15.83 1.56 -0.91
N ALA A 214 16.05 1.43 0.40
CA ALA A 214 15.68 2.45 1.37
C ALA A 214 16.73 3.53 1.48
N ASP A 215 16.32 4.63 2.11
CA ASP A 215 17.23 5.69 2.57
C ASP A 215 17.03 5.78 4.06
N LEU A 216 17.86 5.06 4.84
CA LEU A 216 17.66 5.02 6.30
C LEU A 216 17.88 6.38 6.93
N ALA A 217 18.76 7.16 6.35
CA ALA A 217 19.12 8.46 6.89
C ALA A 217 17.95 9.44 6.70
N GLU A 218 17.27 9.40 5.55
CA GLU A 218 16.17 10.35 5.30
C GLU A 218 14.85 9.82 5.84
N TRP A 219 14.71 8.52 6.07
CA TRP A 219 13.42 7.95 6.47
C TRP A 219 12.80 8.64 7.67
N PRO A 220 13.52 8.87 8.78
CA PRO A 220 12.90 9.62 9.88
C PRO A 220 12.37 10.96 9.50
N THR A 221 13.13 11.71 8.70
CA THR A 221 12.68 13.01 8.26
C THR A 221 11.41 12.92 7.44
N SER A 222 11.34 11.92 6.56
CA SER A 222 10.13 11.69 5.79
C SER A 222 8.95 11.34 6.67
N VAL A 223 9.17 10.51 7.68
CA VAL A 223 8.09 10.20 8.62
C VAL A 223 7.64 11.45 9.37
N GLU A 224 8.59 12.30 9.80
N GLU A 224 8.58 12.31 9.78
CA GLU A 224 8.21 13.54 10.45
CA GLU A 224 8.21 13.54 10.45
C GLU A 224 7.32 14.37 9.54
C GLU A 224 7.34 14.40 9.54
N ARG A 225 7.58 14.39 8.23
CA ARG A 225 6.73 15.13 7.32
C ARG A 225 5.32 14.58 7.33
N ILE A 226 5.18 13.25 7.34
CA ILE A 226 3.88 12.62 7.40
C ILE A 226 3.18 13.03 8.70
N GLN A 227 3.88 12.93 9.83
CA GLN A 227 3.28 13.29 11.11
C GLN A 227 2.78 14.73 11.12
N LYS A 228 3.57 15.64 10.56
CA LYS A 228 3.20 17.07 10.53
C LYS A 228 1.98 17.26 9.65
N HIS A 229 1.94 16.56 8.52
CA HIS A 229 0.93 16.84 7.51
C HIS A 229 -0.44 16.21 7.88
N TYR A 230 -0.45 15.12 8.64
CA TYR A 230 -1.67 14.38 8.95
C TYR A 230 -1.85 14.15 10.43
N PRO A 231 -1.89 15.22 11.21
CA PRO A 231 -2.01 15.09 12.67
C PRO A 231 -3.34 14.56 13.14
N GLU A 232 -4.35 14.55 12.29
N GLU A 232 -4.36 14.57 12.29
CA GLU A 232 -5.68 14.09 12.67
CA GLU A 232 -5.69 14.07 12.67
C GLU A 232 -5.96 12.67 12.21
C GLU A 232 -5.96 12.67 12.21
N ALA A 233 -4.96 11.96 11.69
CA ALA A 233 -5.18 10.59 11.29
C ALA A 233 -5.66 9.76 12.47
N GLU A 234 -6.67 8.96 12.21
CA GLU A 234 -7.22 8.07 13.21
C GLU A 234 -6.78 6.63 13.05
N VAL A 235 -6.61 6.17 11.85
CA VAL A 235 -6.16 4.83 11.53
C VAL A 235 -4.94 5.01 10.63
N VAL A 236 -3.89 4.30 10.93
CA VAL A 236 -2.66 4.24 10.13
C VAL A 236 -2.47 2.81 9.69
N ILE A 237 -2.35 2.61 8.38
CA ILE A 237 -2.21 1.30 7.77
C ILE A 237 -0.79 1.15 7.22
N PRO A 238 -0.04 0.15 7.68
CA PRO A 238 1.30 -0.06 7.18
C PRO A 238 1.26 -0.86 5.87
N GLY A 239 2.38 -0.88 5.14
CA GLY A 239 2.41 -1.65 3.93
C GLY A 239 2.30 -3.15 4.15
N HIS A 240 2.74 -3.61 5.31
CA HIS A 240 2.67 -5.00 5.71
C HIS A 240 2.28 -5.02 7.18
N GLY A 241 1.29 -5.81 7.54
CA GLY A 241 0.92 -6.02 8.94
C GLY A 241 -0.28 -5.23 9.40
N LEU A 242 -0.41 -5.13 10.72
CA LEU A 242 -1.66 -4.68 11.33
C LEU A 242 -1.82 -3.18 11.37
N PRO A 243 -3.00 -2.66 11.00
CA PRO A 243 -3.27 -1.23 11.22
C PRO A 243 -3.25 -0.89 12.70
N GLY A 244 -3.07 0.38 13.00
CA GLY A 244 -3.17 0.94 14.31
C GLY A 244 -3.44 2.40 14.24
N GLY A 245 -2.95 3.14 15.23
CA GLY A 245 -3.12 4.56 15.29
C GLY A 245 -1.83 5.29 14.88
N LEU A 246 -1.76 6.57 15.26
CA LEU A 246 -0.63 7.42 14.91
C LEU A 246 0.69 6.88 15.43
N ASP A 247 0.67 6.04 16.48
CA ASP A 247 1.92 5.54 17.02
C ASP A 247 2.72 4.74 16.03
N LEU A 248 2.10 4.20 14.97
CA LEU A 248 2.89 3.51 13.97
C LEU A 248 3.94 4.40 13.37
N LEU A 249 3.67 5.69 13.25
CA LEU A 249 4.62 6.59 12.66
C LEU A 249 5.91 6.71 13.50
N GLN A 250 5.76 7.07 14.76
CA GLN A 250 6.92 7.15 15.63
C GLN A 250 7.62 5.80 15.75
N HIS A 251 6.85 4.73 15.88
CA HIS A 251 7.46 3.40 15.97
C HIS A 251 8.34 3.15 14.75
N THR A 252 7.83 3.50 13.56
CA THR A 252 8.61 3.30 12.35
C THR A 252 9.92 4.07 12.40
N ALA A 253 9.87 5.35 12.79
CA ALA A 253 11.09 6.13 12.90
C ALA A 253 12.04 5.47 13.86
N ASN A 254 11.52 4.95 14.96
CA ASN A 254 12.36 4.37 15.97
C ASN A 254 13.03 3.14 15.43
N VAL A 255 12.29 2.25 14.75
CA VAL A 255 12.90 1.02 14.24
C VAL A 255 13.92 1.30 13.16
N VAL A 256 13.64 2.26 12.31
CA VAL A 256 14.60 2.58 11.27
C VAL A 256 15.86 3.13 11.84
N LYS A 257 15.76 4.04 12.85
CA LYS A 257 16.97 4.64 13.45
C LYS A 257 17.79 3.59 14.13
N ALA A 258 17.12 2.59 14.73
CA ALA A 258 17.85 1.56 15.47
C ALA A 258 18.47 0.59 14.47
N HIS A 259 17.87 0.38 13.29
CA HIS A 259 18.47 -0.44 12.25
C HIS A 259 19.71 0.25 11.71
N LYS A 260 19.55 1.50 11.24
CA LYS A 260 20.68 2.27 10.71
C LYS A 260 21.89 2.18 11.62
N ASN A 261 21.67 2.43 12.91
CA ASN A 261 22.68 2.18 13.94
C ASN A 261 22.99 0.68 13.92
ZN ZN B . 8.88 -1.88 -1.20
ZN ZN C . 6.58 -3.45 0.97
C12 XAQ D . 9.23 -7.05 4.22
C12 XAQ D . 9.17 -6.99 4.24
C13 XAQ D . 8.14 -6.65 4.98
C13 XAQ D . 10.08 -7.87 4.78
C14 XAQ D . 8.02 -7.10 6.27
C14 XAQ D . 9.95 -8.22 6.10
C15 XAQ D . 8.99 -7.92 6.85
C15 XAQ D . 8.95 -7.70 6.91
C16 XAQ D . 8.85 -8.46 8.28
C16 XAQ D . 8.86 -8.16 8.37
C21 XAQ D . 6.72 -10.74 9.81
C21 XAQ D . 6.60 -10.56 9.91
C22 XAQ D . 7.48 -11.55 10.81
C22 XAQ D . 7.60 -11.23 10.79
C11 XAQ D . 9.29 -6.60 2.83
C11 XAQ D . 9.24 -6.61 2.80
C01 XAQ D . 8.75 -7.11 -3.13
C01 XAQ D . 8.63 -7.05 -3.08
C02 XAQ D . 9.53 -6.36 -2.04
C02 XAQ D . 9.50 -6.36 -2.01
C03 XAQ D . 10.92 -5.86 -2.48
C03 XAQ D . 10.89 -5.94 -2.47
C04 XAQ D . 9.67 -7.25 -0.79
C04 XAQ D . 9.58 -7.27 -0.76
C05 XAQ D . 9.41 -6.73 0.54
C05 XAQ D . 9.39 -6.73 0.53
C07 XAQ D . 8.98 -5.36 2.28
C07 XAQ D . 9.04 -5.37 2.24
C08 XAQ D . 8.71 -4.05 2.91
C08 XAQ D . 8.89 -4.11 2.94
C23 XAQ D . 6.92 -11.53 12.21
C23 XAQ D . 7.08 -11.65 12.15
C25 XAQ D . 4.61 -11.40 10.96
C25 XAQ D . 4.68 -11.34 11.14
C26 XAQ D . 5.34 -11.28 9.65
C26 XAQ D . 5.35 -11.37 9.80
C27 XAQ D . 10.09 -8.27 6.09
C27 XAQ D . 8.02 -6.80 6.37
C29 XAQ D . 10.21 -7.84 4.79
C29 XAQ D . 8.16 -6.47 5.04
C30 XAQ D . 9.55 -7.47 1.72
C30 XAQ D . 9.46 -7.48 1.70
C31 XAQ D . 9.86 -8.85 1.61
C31 XAQ D . 9.66 -8.89 1.60
C32 XAQ D . 10.16 -9.36 0.36
C32 XAQ D . 9.94 -9.39 0.34
C33 XAQ D . 10.07 -8.58 -0.83
C33 XAQ D . 9.88 -8.61 -0.83
F28 XAQ D . 10.99 -9.09 6.60
F28 XAQ D . 7.00 -6.23 7.11
N06 XAQ D . 9.05 -5.46 0.93
N06 XAQ D . 9.12 -5.45 0.91
N17 XAQ D . 8.98 -9.92 8.28
N17 XAQ D . 8.70 -9.61 8.33
N24 XAQ D . 5.40 -11.73 12.21
N24 XAQ D . 5.57 -11.58 12.33
O09 XAQ D . 7.81 -3.27 2.36
O09 XAQ D . 8.23 -3.15 2.38
O10 XAQ D . 9.56 -3.73 3.84
O10 XAQ D . 9.43 -3.93 4.10
O19 XAQ D . 7.95 -12.22 8.00
O19 XAQ D . 7.44 -11.70 7.54
O20 XAQ D . 6.60 -10.33 7.22
O20 XAQ D . 6.15 -9.80 7.39
S18 XAQ D . 7.58 -10.83 8.21
S18 XAQ D . 7.14 -10.36 8.22
H131 XAQ D . 7.38 -6.00 4.56
H131 XAQ D . 10.88 -8.28 4.18
H141 XAQ D . 7.17 -6.80 6.86
H141 XAQ D . 10.65 -8.92 6.53
H161 XAQ D . 9.61 -8.02 8.92
H161 XAQ D . 9.77 -7.90 8.90
H162 XAQ D . 7.87 -8.18 8.68
H162 XAQ D . 8.01 -7.70 8.85
H211 XAQ D . 6.69 -9.70 10.11
H211 XAQ D . 6.46 -9.58 10.35
H221 XAQ D . 7.50 -12.57 10.47
H221 XAQ D . 7.95 -12.12 10.28
H222 XAQ D . 8.50 -11.16 10.85
H222 XAQ D . 8.43 -10.55 10.94
H013 XAQ D . 7.94 -7.68 -2.67
H013 XAQ D . 7.81 -7.58 -2.61
H011 XAQ D . 9.42 -7.79 -3.65
H011 XAQ D . 9.25 -7.75 -3.64
H012 XAQ D . 8.32 -6.40 -3.84
H012 XAQ D . 8.24 -6.30 -3.76
H021 XAQ D . 8.95 -5.47 -1.83
H021 XAQ D . 8.98 -5.43 -1.77
H033 XAQ D . 11.37 -6.58 -3.15
H033 XAQ D . 11.28 -6.67 -3.16
H032 XAQ D . 11.55 -5.74 -1.60
H032 XAQ D . 11.55 -5.85 -1.61
H031 XAQ D . 10.81 -4.90 -2.99
H031 XAQ D . 10.82 -4.97 -2.97
H232 XAQ D . 7.37 -12.33 12.78
H232 XAQ D . 7.39 -12.67 12.32
H231 XAQ D . 7.15 -10.58 12.68
H231 XAQ D . 7.53 -11.01 12.89
H252 XAQ D . 4.12 -10.45 11.14
H252 XAQ D . 4.22 -10.36 11.25
H251 XAQ D . 3.87 -12.18 10.85
H251 XAQ D . 3.91 -12.10 11.13
H262 XAQ D . 4.78 -10.63 9.00
H262 XAQ D . 4.71 -10.96 9.04
H261 XAQ D . 5.40 -12.27 9.20
H261 XAQ D . 5.61 -12.40 9.53
H291 XAQ D . 11.08 -8.12 4.20
H291 XAQ D . 7.45 -5.78 4.59
H311 XAQ D . 9.83 -9.50 2.48
H311 XAQ D . 9.62 -9.53 2.47
H321 XAQ D . 10.50 -10.39 0.28
H321 XAQ D . 10.19 -10.44 0.25
H331 XAQ D . 10.31 -9.04 -1.78
H331 XAQ D . 10.07 -9.07 -1.80
H061 XAQ D . 8.87 -4.71 0.30
H061 XAQ D . 9.00 -4.69 0.28
H171 XAQ D . 9.89 -10.35 8.30
H171 XAQ D . 9.51 -10.19 8.36
H241 XAQ D . 5.24 -12.69 12.41
H241 XAQ D . 5.30 -12.47 12.70
#